data_4R9M
#
_entry.id   4R9M
#
_cell.length_a   110.919
_cell.length_b   110.919
_cell.length_c   108.505
_cell.angle_alpha   90.00
_cell.angle_beta   90.00
_cell.angle_gamma   90.00
#
_symmetry.space_group_name_H-M   'P 42 21 2'
#
loop_
_entity.id
_entity.type
_entity.pdbx_description
1 polymer 'Spermidine N(1)-acetyltransferase'
2 non-polymer 'MAGNESIUM ION'
3 water water
#
_entity_poly.entity_id   1
_entity_poly.type   'polypeptide(L)'
_entity_poly.pdbx_seq_one_letter_code
;MHHHHHHSSGVDLGTENLYFQSNAMPSAHSVKLRPLEREDLRYVHQLDNNASVMRYWFEEPYEAFVELSDLYDKHIHDQS
ERRFVVECDGEKAGLVELVEINHVHRRAEFQIIISPEYQGKGLATRAAKLAMDYGFTVLNLYKLYLIVDKENEKAIHIYR
KLGFSVEGELMHEFFINGQYRNAIRMCIFQHQYLAEHKTPGQTLLKPTAQ
;
_entity_poly.pdbx_strand_id   A,B,C
#
loop_
_chem_comp.id
_chem_comp.type
_chem_comp.name
_chem_comp.formula
MG non-polymer 'MAGNESIUM ION' 'Mg 2'
#
# COMPACT_ATOMS: atom_id res chain seq x y z
N MET A 25 -42.05 -9.97 34.75
CA MET A 25 -41.23 -8.79 35.19
C MET A 25 -40.10 -8.51 34.19
N PRO A 26 -40.07 -7.29 33.59
CA PRO A 26 -39.07 -6.98 32.53
C PRO A 26 -37.63 -6.93 33.04
N SER A 27 -36.71 -7.56 32.31
CA SER A 27 -35.30 -7.62 32.72
C SER A 27 -34.54 -6.35 32.33
N ALA A 28 -33.74 -5.87 33.27
CA ALA A 28 -33.01 -4.59 33.17
C ALA A 28 -31.60 -4.84 32.64
N HIS A 29 -31.27 -4.17 31.53
CA HIS A 29 -29.93 -4.25 30.99
C HIS A 29 -29.04 -3.31 31.78
N SER A 30 -27.74 -3.59 31.78
CA SER A 30 -26.79 -2.67 32.39
C SER A 30 -25.89 -2.10 31.30
N VAL A 31 -25.91 -0.79 31.22
CA VAL A 31 -25.21 -0.09 30.20
C VAL A 31 -24.11 0.75 30.91
N LYS A 32 -22.86 0.58 30.46
CA LYS A 32 -21.73 1.23 31.06
C LYS A 32 -20.82 1.82 30.04
N LEU A 33 -20.28 2.98 30.39
CA LEU A 33 -19.05 3.52 29.77
C LEU A 33 -17.83 2.81 30.33
N ARG A 34 -16.96 2.42 29.43
CA ARG A 34 -15.72 1.82 29.83
C ARG A 34 -14.58 2.52 29.07
N PRO A 35 -13.51 2.83 29.76
CA PRO A 35 -12.37 3.41 29.11
C PRO A 35 -11.86 2.48 28.06
N LEU A 36 -11.62 3.04 26.90
CA LEU A 36 -11.20 2.34 25.70
C LEU A 36 -9.76 1.77 25.79
N GLU A 37 -9.62 0.46 25.67
CA GLU A 37 -8.31 -0.16 25.85
C GLU A 37 -7.74 -0.38 24.48
N ARG A 38 -6.48 -0.81 24.38
CA ARG A 38 -5.96 -1.02 23.04
C ARG A 38 -6.66 -2.18 22.40
N GLU A 39 -6.99 -3.20 23.16
CA GLU A 39 -7.59 -4.39 22.58
C GLU A 39 -8.95 -4.05 21.92
N ASP A 40 -9.55 -2.94 22.33
CA ASP A 40 -10.77 -2.40 21.73
C ASP A 40 -10.60 -1.85 20.32
N LEU A 41 -9.35 -1.63 19.93
CA LEU A 41 -9.05 -0.94 18.69
C LEU A 41 -9.57 -1.65 17.46
N ARG A 42 -9.66 -2.98 17.48
CA ARG A 42 -10.18 -3.71 16.33
C ARG A 42 -11.67 -3.46 16.21
N TYR A 43 -12.33 -3.44 17.36
CA TYR A 43 -13.74 -3.15 17.38
C TYR A 43 -13.98 -1.77 16.77
N VAL A 44 -13.26 -0.77 17.25
CA VAL A 44 -13.38 0.55 16.65
C VAL A 44 -13.24 0.50 15.14
N HIS A 45 -12.10 0.02 14.66
CA HIS A 45 -11.80 -0.05 13.24
C HIS A 45 -12.93 -0.60 12.45
N GLN A 46 -13.43 -1.75 12.87
CA GLN A 46 -14.47 -2.39 12.11
C GLN A 46 -15.89 -1.82 12.36
N LEU A 47 -16.06 -0.68 13.02
CA LEU A 47 -17.38 -0.04 12.90
C LEU A 47 -17.58 0.67 11.53
N ASP A 48 -16.58 0.60 10.63
CA ASP A 48 -16.73 0.61 9.13
C ASP A 48 -15.52 1.13 8.33
N SER A 52 -18.34 4.09 2.70
CA SER A 52 -17.00 4.54 3.03
C SER A 52 -16.92 6.08 3.16
N VAL A 53 -16.20 6.51 4.19
CA VAL A 53 -16.26 7.85 4.74
C VAL A 53 -14.93 8.13 5.44
N MET A 54 -14.69 9.38 5.77
CA MET A 54 -13.47 9.73 6.45
C MET A 54 -13.65 9.54 7.94
N ARG A 55 -12.79 8.74 8.57
CA ARG A 55 -12.76 8.74 10.03
C ARG A 55 -11.44 9.36 10.56
N TYR A 56 -11.47 9.92 11.77
CA TYR A 56 -10.30 10.65 12.30
C TYR A 56 -9.95 10.23 13.70
N TRP A 57 -8.68 10.35 14.03
CA TRP A 57 -8.22 10.09 15.39
C TRP A 57 -7.40 11.27 15.75
N PHE A 58 -7.80 11.99 16.79
CA PHE A 58 -7.09 13.23 17.17
C PHE A 58 -6.93 14.12 15.97
N GLU A 59 -8.02 14.34 15.27
CA GLU A 59 -8.09 15.27 14.13
C GLU A 59 -7.17 14.86 12.96
N GLU A 60 -6.54 13.69 13.07
CA GLU A 60 -5.75 13.03 12.00
C GLU A 60 -6.53 11.84 11.37
N PRO A 61 -6.55 11.70 10.03
CA PRO A 61 -7.51 10.77 9.37
C PRO A 61 -6.97 9.33 9.27
N TYR A 62 -7.82 8.32 9.32
CA TYR A 62 -7.35 6.95 9.16
C TYR A 62 -8.24 6.15 8.27
N GLU A 63 -7.69 5.07 7.77
CA GLU A 63 -8.45 4.12 7.01
C GLU A 63 -8.04 2.70 7.39
N ALA A 64 -6.76 2.35 7.16
CA ALA A 64 -6.24 1.03 7.46
C ALA A 64 -5.98 0.89 8.94
N PHE A 65 -6.07 -0.34 9.45
CA PHE A 65 -5.86 -0.59 10.87
C PHE A 65 -4.50 -0.06 11.39
N VAL A 66 -3.46 -0.27 10.60
CA VAL A 66 -2.13 0.18 10.96
C VAL A 66 -2.05 1.71 11.09
N GLU A 67 -2.97 2.40 10.45
CA GLU A 67 -2.92 3.84 10.54
C GLU A 67 -3.49 4.18 11.91
N LEU A 68 -4.63 3.57 12.24
CA LEU A 68 -5.34 3.80 13.52
C LEU A 68 -4.48 3.46 14.73
N SER A 69 -3.90 2.27 14.68
CA SER A 69 -3.07 1.79 15.76
C SER A 69 -1.85 2.73 15.96
N ASP A 70 -1.23 3.21 14.90
CA ASP A 70 -0.09 4.10 15.10
C ASP A 70 -0.51 5.45 15.65
N LEU A 71 -1.61 6.00 15.14
CA LEU A 71 -2.19 7.21 15.74
C LEU A 71 -2.47 7.03 17.23
N TYR A 72 -3.09 5.90 17.52
CA TYR A 72 -3.42 5.56 18.88
C TYR A 72 -2.16 5.69 19.74
N ASP A 73 -1.05 5.05 19.36
CA ASP A 73 0.12 5.10 20.26
C ASP A 73 0.69 6.48 20.30
N LYS A 74 0.69 7.18 19.17
CA LYS A 74 1.17 8.54 19.18
C LYS A 74 0.37 9.44 20.14
N HIS A 75 -0.90 9.10 20.38
CA HIS A 75 -1.72 9.99 21.19
C HIS A 75 -2.18 9.52 22.55
N ILE A 76 -1.48 8.54 23.10
CA ILE A 76 -2.01 7.85 24.26
C ILE A 76 -2.26 8.81 25.42
N HIS A 77 -1.35 9.76 25.61
CA HIS A 77 -1.43 10.63 26.78
C HIS A 77 -2.16 11.92 26.54
N ASP A 78 -2.75 12.05 25.35
CA ASP A 78 -3.32 13.31 24.93
C ASP A 78 -4.68 13.59 25.59
N GLN A 79 -4.75 14.71 26.29
CA GLN A 79 -5.88 15.06 27.16
C GLN A 79 -7.10 15.68 26.43
N SER A 80 -6.99 15.82 25.10
CA SER A 80 -7.95 16.57 24.33
C SER A 80 -8.97 15.66 23.62
N GLU A 81 -8.81 14.37 23.74
CA GLU A 81 -9.86 13.42 23.40
C GLU A 81 -9.86 12.25 24.39
N ARG A 82 -11.07 11.78 24.69
CA ARG A 82 -11.27 10.65 25.58
C ARG A 82 -12.34 9.75 24.99
N ARG A 83 -12.13 8.43 25.07
CA ARG A 83 -13.06 7.50 24.43
C ARG A 83 -13.58 6.37 25.35
N PHE A 84 -14.87 6.10 25.28
CA PHE A 84 -15.37 4.97 26.05
C PHE A 84 -16.03 3.97 25.13
N VAL A 85 -15.91 2.70 25.47
CA VAL A 85 -16.82 1.70 24.90
C VAL A 85 -18.09 1.66 25.75
N VAL A 86 -19.20 1.50 25.08
CA VAL A 86 -20.49 1.21 25.67
C VAL A 86 -20.68 -0.30 25.84
N GLU A 87 -20.57 -0.79 27.07
CA GLU A 87 -20.90 -2.20 27.27
C GLU A 87 -22.40 -2.29 27.56
N CYS A 88 -23.12 -3.18 26.87
CA CYS A 88 -24.49 -3.60 27.29
C CYS A 88 -24.34 -5.03 27.80
N ASP A 89 -24.57 -5.18 29.11
CA ASP A 89 -24.43 -6.47 29.79
C ASP A 89 -23.04 -7.02 29.61
N GLY A 90 -22.04 -6.15 29.66
CA GLY A 90 -20.66 -6.57 29.45
C GLY A 90 -20.19 -6.83 28.02
N GLU A 91 -21.10 -6.81 27.03
CA GLU A 91 -20.74 -7.03 25.61
C GLU A 91 -20.59 -5.68 24.91
N LYS A 92 -19.63 -5.60 23.99
CA LYS A 92 -19.27 -4.34 23.35
C LYS A 92 -20.31 -3.84 22.33
N ALA A 93 -21.00 -2.73 22.62
CA ALA A 93 -22.13 -2.29 21.76
C ALA A 93 -21.95 -0.97 21.01
N GLY A 94 -20.92 -0.21 21.33
CA GLY A 94 -20.75 1.02 20.62
C GLY A 94 -19.77 1.87 21.32
N LEU A 95 -19.61 3.10 20.82
CA LEU A 95 -18.46 3.92 21.15
C LEU A 95 -18.85 5.36 21.38
N VAL A 96 -18.40 5.92 22.49
CA VAL A 96 -18.47 7.35 22.76
C VAL A 96 -17.12 8.06 22.63
N GLU A 97 -17.05 9.10 21.80
CA GLU A 97 -15.82 9.87 21.63
C GLU A 97 -16.09 11.28 22.13
N LEU A 98 -15.40 11.69 23.20
CA LEU A 98 -15.32 13.11 23.57
C LEU A 98 -14.13 13.71 22.95
N VAL A 99 -14.38 14.77 22.20
CA VAL A 99 -13.42 15.29 21.28
C VAL A 99 -13.39 16.79 21.42
N GLU A 100 -12.34 17.41 20.91
CA GLU A 100 -12.09 18.83 21.09
C GLU A 100 -12.27 19.30 22.55
N ILE A 101 -11.81 18.50 23.52
CA ILE A 101 -11.92 18.83 24.94
C ILE A 101 -11.16 20.14 25.29
N ASN A 102 -11.82 21.15 25.83
CA ASN A 102 -11.10 22.34 26.26
C ASN A 102 -11.34 22.70 27.71
N HIS A 103 -10.29 22.61 28.53
CA HIS A 103 -10.51 22.77 29.97
C HIS A 103 -10.51 24.20 30.47
N VAL A 104 -9.99 25.16 29.70
CA VAL A 104 -10.21 26.58 29.99
C VAL A 104 -11.63 27.05 29.64
N HIS A 105 -12.17 26.64 28.50
CA HIS A 105 -13.53 27.04 28.21
C HIS A 105 -14.56 26.02 28.70
N ARG A 106 -14.05 25.00 29.40
CA ARG A 106 -14.84 23.91 30.03
C ARG A 106 -15.90 23.24 29.10
N ARG A 107 -15.50 22.93 27.87
CA ARG A 107 -16.40 22.23 26.93
C ARG A 107 -15.76 21.05 26.22
N ALA A 108 -16.60 20.23 25.62
CA ALA A 108 -16.12 19.26 24.65
C ALA A 108 -17.25 18.97 23.71
N GLU A 109 -16.88 18.43 22.55
CA GLU A 109 -17.88 17.88 21.66
C GLU A 109 -18.00 16.38 21.89
N PHE A 110 -19.20 15.81 21.75
CA PHE A 110 -19.28 14.33 21.82
C PHE A 110 -19.87 13.71 20.55
N GLN A 111 -19.64 12.42 20.38
CA GLN A 111 -20.09 11.67 19.21
C GLN A 111 -20.37 10.25 19.68
N ILE A 112 -21.53 9.73 19.35
CA ILE A 112 -21.80 8.38 19.73
C ILE A 112 -22.11 7.53 18.49
N ILE A 113 -21.88 6.25 18.61
CA ILE A 113 -21.96 5.35 17.45
C ILE A 113 -22.36 4.03 18.08
N ILE A 114 -23.46 3.46 17.61
CA ILE A 114 -23.98 2.19 18.12
C ILE A 114 -23.80 1.04 17.10
N SER A 115 -23.18 -0.07 17.51
CA SER A 115 -23.01 -1.17 16.57
C SER A 115 -24.38 -1.62 16.03
N PRO A 116 -24.45 -1.99 14.74
CA PRO A 116 -25.73 -2.30 14.07
C PRO A 116 -26.61 -3.26 14.86
N GLU A 117 -26.10 -4.40 15.30
CA GLU A 117 -26.90 -5.31 16.12
C GLU A 117 -27.29 -4.76 17.52
N TYR A 118 -26.84 -3.58 17.91
CA TYR A 118 -27.33 -3.00 19.16
C TYR A 118 -28.25 -1.77 18.97
N GLN A 119 -28.45 -1.36 17.71
CA GLN A 119 -29.46 -0.35 17.43
C GLN A 119 -30.91 -0.81 17.66
N GLY A 120 -31.80 0.15 17.86
CA GLY A 120 -33.22 -0.12 17.94
C GLY A 120 -33.81 -0.24 19.31
N LYS A 121 -32.99 -0.05 20.32
CA LYS A 121 -33.38 -0.40 21.66
C LYS A 121 -32.82 0.65 22.61
N GLY A 122 -32.89 1.92 22.22
CA GLY A 122 -32.66 3.04 23.15
C GLY A 122 -31.23 3.26 23.59
N LEU A 123 -30.32 2.51 23.00
CA LEU A 123 -28.94 2.67 23.40
C LEU A 123 -28.35 4.04 23.11
N ALA A 124 -28.44 4.52 21.88
CA ALA A 124 -27.95 5.86 21.58
C ALA A 124 -28.44 6.81 22.67
N THR A 125 -29.70 6.76 23.04
CA THR A 125 -30.16 7.60 24.17
C THR A 125 -29.41 7.38 25.47
N ARG A 126 -29.49 6.19 26.06
CA ARG A 126 -28.82 5.96 27.34
C ARG A 126 -27.37 6.40 27.24
N ALA A 127 -26.75 5.91 26.17
CA ALA A 127 -25.39 6.29 25.86
C ALA A 127 -25.15 7.79 25.88
N ALA A 128 -26.12 8.62 25.46
CA ALA A 128 -25.86 10.05 25.52
C ALA A 128 -25.91 10.50 26.98
N LYS A 129 -26.93 10.04 27.71
CA LYS A 129 -27.09 10.41 29.12
C LYS A 129 -25.77 10.12 29.88
N LEU A 130 -25.14 8.99 29.58
CA LEU A 130 -23.92 8.56 30.25
C LEU A 130 -22.68 9.42 30.00
N ALA A 131 -22.65 10.07 28.85
CA ALA A 131 -21.55 10.88 28.43
C ALA A 131 -21.77 12.25 28.98
N MET A 132 -23.03 12.59 29.15
CA MET A 132 -23.36 13.81 29.80
C MET A 132 -22.88 13.67 31.23
N ASP A 133 -23.30 12.59 31.87
CA ASP A 133 -22.83 12.30 33.19
C ASP A 133 -21.31 12.34 33.34
N TYR A 134 -20.59 11.73 32.40
CA TYR A 134 -19.14 11.76 32.49
C TYR A 134 -18.55 13.22 32.42
N GLY A 135 -18.87 13.98 31.37
CA GLY A 135 -18.33 15.31 31.24
C GLY A 135 -18.76 16.22 32.36
N PHE A 136 -20.03 16.07 32.72
CA PHE A 136 -20.58 16.96 33.69
C PHE A 136 -20.23 16.62 35.13
N THR A 137 -20.22 15.33 35.46
CA THR A 137 -20.07 14.97 36.87
C THR A 137 -18.71 14.44 37.19
N VAL A 138 -17.91 14.14 36.16
CA VAL A 138 -16.59 13.56 36.40
C VAL A 138 -15.47 14.49 35.96
N LEU A 139 -15.61 14.96 34.71
CA LEU A 139 -14.65 15.81 34.01
C LEU A 139 -14.86 17.30 34.28
N ASN A 140 -16.02 17.66 34.81
CA ASN A 140 -16.26 19.00 35.28
C ASN A 140 -16.26 20.04 34.16
N LEU A 141 -16.74 19.65 32.99
CA LEU A 141 -17.02 20.61 31.96
C LEU A 141 -18.29 21.38 32.23
N TYR A 142 -18.37 22.50 31.56
CA TYR A 142 -19.47 23.38 31.73
C TYR A 142 -20.49 23.25 30.61
N LYS A 143 -20.04 22.81 29.45
CA LYS A 143 -20.87 22.73 28.23
C LYS A 143 -20.44 21.59 27.34
N LEU A 144 -21.39 20.89 26.78
CA LEU A 144 -21.15 19.82 25.84
C LEU A 144 -22.02 20.08 24.64
N TYR A 145 -21.51 19.77 23.45
CA TYR A 145 -22.37 19.85 22.26
C TYR A 145 -22.08 18.75 21.32
N LEU A 146 -22.86 18.73 20.24
CA LEU A 146 -22.82 17.70 19.24
C LEU A 146 -23.25 18.24 17.89
N ILE A 147 -22.78 17.61 16.82
CA ILE A 147 -23.26 17.94 15.49
C ILE A 147 -24.12 16.77 15.00
N VAL A 148 -25.20 17.03 14.28
CA VAL A 148 -25.93 15.97 13.60
C VAL A 148 -26.43 16.49 12.29
N ASP A 149 -26.77 15.56 11.41
CA ASP A 149 -27.29 15.91 10.13
C ASP A 149 -28.60 16.70 10.34
N LYS A 150 -28.69 17.84 9.65
CA LYS A 150 -29.91 18.59 9.60
C LYS A 150 -31.04 17.64 9.23
N GLU A 151 -30.71 16.62 8.46
CA GLU A 151 -31.73 15.72 7.94
C GLU A 151 -32.28 14.80 9.01
N ASN A 152 -31.62 14.71 10.15
CA ASN A 152 -31.98 13.69 11.09
C ASN A 152 -32.97 14.22 12.13
N GLU A 153 -34.17 14.53 11.66
CA GLU A 153 -35.25 15.07 12.49
C GLU A 153 -35.43 14.15 13.73
N LYS A 154 -35.24 12.84 13.56
CA LYS A 154 -35.33 11.94 14.74
C LYS A 154 -34.38 12.32 15.89
N ALA A 155 -33.08 12.14 15.70
CA ALA A 155 -32.07 12.51 16.70
C ALA A 155 -32.23 13.95 17.25
N ILE A 156 -32.42 14.90 16.34
CA ILE A 156 -32.60 16.30 16.74
C ILE A 156 -33.69 16.37 17.82
N HIS A 157 -34.85 15.81 17.53
CA HIS A 157 -35.93 15.94 18.47
C HIS A 157 -35.65 15.31 19.83
N ILE A 158 -35.03 14.13 19.84
CA ILE A 158 -34.52 13.52 21.06
C ILE A 158 -33.62 14.46 21.86
N TYR A 159 -32.65 15.10 21.20
CA TYR A 159 -31.76 15.95 21.95
C TYR A 159 -32.47 17.12 22.58
N ARG A 160 -33.42 17.67 21.82
CA ARG A 160 -34.28 18.68 22.36
C ARG A 160 -34.94 18.15 23.58
N LYS A 161 -35.52 16.96 23.49
CA LYS A 161 -36.24 16.31 24.60
C LYS A 161 -35.44 16.36 25.86
N LEU A 162 -34.16 16.02 25.73
CA LEU A 162 -33.17 16.12 26.81
C LEU A 162 -32.71 17.58 27.10
N GLY A 163 -33.25 18.57 26.37
CA GLY A 163 -33.12 19.99 26.68
C GLY A 163 -31.89 20.63 26.12
N PHE A 164 -31.31 19.97 25.13
CA PHE A 164 -30.32 20.60 24.29
C PHE A 164 -30.94 21.80 23.55
N SER A 165 -30.29 22.95 23.62
CA SER A 165 -30.56 24.08 22.74
C SER A 165 -29.90 23.86 21.39
N VAL A 166 -30.46 24.47 20.35
CA VAL A 166 -29.87 24.56 19.01
C VAL A 166 -29.09 25.85 18.90
N GLU A 167 -27.84 25.72 18.50
CA GLU A 167 -26.96 26.85 18.55
C GLU A 167 -26.36 27.20 17.22
N GLY A 168 -26.74 26.45 16.20
CA GLY A 168 -26.28 26.72 14.83
C GLY A 168 -26.65 25.66 13.81
N GLU A 169 -26.85 26.14 12.59
CA GLU A 169 -27.05 25.30 11.47
C GLU A 169 -26.00 25.63 10.45
N LEU A 170 -24.95 24.84 10.53
CA LEU A 170 -23.80 24.91 9.67
C LEU A 170 -24.17 24.46 8.30
N MET A 171 -23.94 25.33 7.31
CA MET A 171 -24.37 25.06 5.94
C MET A 171 -23.26 24.44 5.07
N HIS A 172 -23.53 23.29 4.45
CA HIS A 172 -22.55 22.57 3.58
C HIS A 172 -21.24 22.28 4.32
N GLU A 173 -21.39 21.94 5.58
CA GLU A 173 -20.26 21.70 6.42
C GLU A 173 -19.64 20.36 6.03
N PHE A 174 -20.43 19.38 5.62
CA PHE A 174 -19.82 18.10 5.21
C PHE A 174 -20.18 17.69 3.81
N PHE A 175 -19.17 17.19 3.11
CA PHE A 175 -19.35 16.70 1.78
C PHE A 175 -19.45 15.24 1.93
N ILE A 176 -20.62 14.70 1.63
CA ILE A 176 -20.90 13.32 1.98
C ILE A 176 -21.62 12.60 0.88
N ASN A 177 -21.07 11.45 0.57
CA ASN A 177 -21.55 10.66 -0.55
C ASN A 177 -21.98 11.51 -1.76
N GLY A 178 -21.05 12.33 -2.24
CA GLY A 178 -21.24 13.11 -3.45
C GLY A 178 -21.97 14.44 -3.27
N GLN A 179 -22.01 14.98 -2.06
CA GLN A 179 -22.96 16.06 -1.85
C GLN A 179 -22.79 16.76 -0.52
N TYR A 180 -22.94 18.08 -0.54
CA TYR A 180 -22.68 18.85 0.67
C TYR A 180 -23.92 18.74 1.51
N ARG A 181 -23.74 18.54 2.79
CA ARG A 181 -24.84 18.32 3.70
C ARG A 181 -24.73 19.39 4.81
N ASN A 182 -25.86 19.61 5.52
CA ASN A 182 -25.98 20.60 6.55
C ASN A 182 -26.00 19.96 7.97
N ALA A 183 -25.33 20.61 8.92
CA ALA A 183 -25.22 20.04 10.26
C ALA A 183 -25.95 20.95 11.26
N ILE A 184 -26.45 20.36 12.35
CA ILE A 184 -27.06 21.14 13.39
C ILE A 184 -26.24 20.98 14.61
N ARG A 185 -25.74 22.06 15.15
CA ARG A 185 -25.01 21.96 16.38
C ARG A 185 -25.97 22.32 17.48
N MET A 186 -25.92 21.52 18.56
CA MET A 186 -26.88 21.57 19.66
C MET A 186 -26.06 21.41 20.90
N CYS A 187 -26.30 22.24 21.91
CA CYS A 187 -25.53 22.18 23.15
C CYS A 187 -26.38 21.96 24.42
N ILE A 188 -25.71 21.64 25.52
CA ILE A 188 -26.32 21.56 26.85
C ILE A 188 -25.27 21.96 27.92
N PHE A 189 -25.71 22.29 29.14
CA PHE A 189 -24.82 22.83 30.18
C PHE A 189 -24.85 22.11 31.53
N GLN A 190 -23.70 22.12 32.20
CA GLN A 190 -23.60 21.52 33.52
C GLN A 190 -24.81 21.86 34.44
N HIS A 191 -25.24 23.12 34.50
CA HIS A 191 -26.25 23.44 35.48
C HIS A 191 -27.60 22.87 35.13
N GLN A 192 -27.96 22.94 33.85
CA GLN A 192 -29.15 22.26 33.34
C GLN A 192 -29.11 20.80 33.74
N TYR A 193 -28.03 20.13 33.37
CA TYR A 193 -27.84 18.72 33.73
C TYR A 193 -28.03 18.35 35.23
N LEU A 194 -27.35 19.03 36.14
CA LEU A 194 -27.44 18.68 37.55
C LEU A 194 -28.77 19.07 38.15
N ALA A 195 -29.37 20.16 37.64
CA ALA A 195 -30.72 20.53 38.02
C ALA A 195 -31.62 19.37 37.60
N GLU A 196 -31.40 18.94 36.35
CA GLU A 196 -32.01 17.78 35.66
C GLU A 196 -33.22 18.13 34.81
N HIS B 29 12.70 -28.66 -16.15
CA HIS B 29 11.78 -28.02 -17.15
C HIS B 29 11.63 -26.52 -17.01
N SER B 30 10.92 -26.07 -15.96
CA SER B 30 10.74 -24.63 -15.75
C SER B 30 11.76 -23.87 -14.89
N VAL B 31 12.26 -22.78 -15.46
CA VAL B 31 13.18 -21.88 -14.79
C VAL B 31 12.61 -20.45 -14.77
N LYS B 32 12.25 -19.94 -13.60
CA LYS B 32 11.83 -18.54 -13.42
C LYS B 32 13.05 -17.89 -12.84
N LEU B 33 12.91 -16.63 -12.47
CA LEU B 33 13.99 -15.91 -11.86
C LEU B 33 13.34 -14.95 -10.85
N ARG B 34 13.19 -15.38 -9.62
CA ARG B 34 12.50 -14.66 -8.56
C ARG B 34 13.43 -13.63 -7.86
N PRO B 35 12.92 -12.43 -7.56
CA PRO B 35 13.67 -11.55 -6.67
C PRO B 35 14.13 -12.24 -5.39
N LEU B 36 15.35 -11.95 -4.95
CA LEU B 36 15.87 -12.39 -3.65
C LEU B 36 15.10 -11.86 -2.41
N GLU B 37 14.38 -12.74 -1.72
CA GLU B 37 13.62 -12.40 -0.47
C GLU B 37 14.41 -12.66 0.83
N ARG B 38 14.02 -12.08 1.96
CA ARG B 38 14.80 -12.34 3.17
C ARG B 38 14.86 -13.85 3.55
N GLU B 39 13.81 -14.62 3.31
CA GLU B 39 13.86 -16.09 3.61
C GLU B 39 14.91 -16.87 2.84
N ASP B 40 15.38 -16.25 1.77
CA ASP B 40 16.35 -16.86 0.88
C ASP B 40 17.80 -16.76 1.35
N LEU B 41 18.03 -16.00 2.42
CA LEU B 41 19.38 -15.70 2.92
C LEU B 41 20.08 -16.88 3.49
N ARG B 42 19.34 -17.72 4.21
CA ARG B 42 19.93 -18.92 4.77
C ARG B 42 20.39 -19.79 3.58
N TYR B 43 19.56 -19.90 2.53
CA TYR B 43 19.97 -20.55 1.28
C TYR B 43 21.23 -19.92 0.71
N VAL B 44 21.21 -18.62 0.46
CA VAL B 44 22.41 -17.91 -0.01
C VAL B 44 23.68 -18.25 0.76
N HIS B 45 23.62 -18.11 2.09
CA HIS B 45 24.76 -18.38 2.96
C HIS B 45 25.34 -19.78 2.73
N GLN B 46 24.45 -20.78 2.68
CA GLN B 46 24.80 -22.18 2.44
C GLN B 46 25.40 -22.45 1.06
N LEU B 47 25.55 -21.49 0.17
CA LEU B 47 26.44 -21.77 -0.98
C LEU B 47 27.92 -21.57 -0.66
N VAL B 53 37.11 -19.46 0.96
CA VAL B 53 37.17 -18.22 0.14
C VAL B 53 36.08 -17.13 0.37
N MET B 54 36.50 -15.86 0.25
CA MET B 54 35.85 -14.66 0.85
C MET B 54 34.66 -13.99 0.09
N ARG B 55 33.47 -13.86 0.70
CA ARG B 55 32.30 -13.29 -0.04
C ARG B 55 31.88 -11.82 0.24
N TYR B 56 31.31 -11.16 -0.77
CA TYR B 56 30.92 -9.70 -0.67
C TYR B 56 29.43 -9.34 -0.81
N TRP B 57 28.93 -8.50 0.09
CA TRP B 57 27.58 -7.94 -0.06
C TRP B 57 27.69 -6.43 -0.13
N PHE B 58 27.20 -5.85 -1.23
CA PHE B 58 27.42 -4.41 -1.45
C PHE B 58 28.89 -4.02 -1.14
N GLU B 59 29.82 -4.77 -1.71
CA GLU B 59 31.26 -4.52 -1.63
C GLU B 59 31.83 -4.54 -0.20
N GLU B 60 31.01 -4.98 0.76
CA GLU B 60 31.44 -5.18 2.14
C GLU B 60 31.54 -6.70 2.36
N PRO B 61 32.60 -7.21 3.03
CA PRO B 61 32.76 -8.68 3.09
C PRO B 61 31.92 -9.37 4.18
N TYR B 62 31.52 -10.63 3.95
CA TYR B 62 30.84 -11.43 5.00
C TYR B 62 31.33 -12.86 5.07
N GLU B 63 31.19 -13.47 6.25
CA GLU B 63 31.35 -14.90 6.47
C GLU B 63 30.18 -15.46 7.30
N ALA B 64 29.93 -14.92 8.48
CA ALA B 64 28.85 -15.47 9.30
C ALA B 64 27.50 -15.16 8.67
N PHE B 65 26.46 -15.82 9.13
CA PHE B 65 25.17 -15.56 8.54
C PHE B 65 24.59 -14.28 9.10
N VAL B 66 24.93 -13.98 10.35
CA VAL B 66 24.55 -12.73 10.99
C VAL B 66 25.26 -11.55 10.31
N GLU B 67 26.40 -11.81 9.67
CA GLU B 67 27.17 -10.74 9.02
C GLU B 67 26.47 -10.37 7.73
N LEU B 68 25.91 -11.37 7.09
CA LEU B 68 25.33 -11.16 5.80
C LEU B 68 23.92 -10.65 6.00
N SER B 69 23.26 -11.15 7.04
CA SER B 69 21.88 -10.79 7.36
C SER B 69 21.85 -9.32 7.65
N ASP B 70 22.53 -8.88 8.69
CA ASP B 70 22.72 -7.45 8.92
C ASP B 70 23.02 -6.59 7.69
N LEU B 71 24.11 -6.93 7.00
CA LEU B 71 24.42 -6.30 5.73
C LEU B 71 23.23 -6.22 4.78
N TYR B 72 22.50 -7.33 4.66
CA TYR B 72 21.30 -7.34 3.84
C TYR B 72 20.34 -6.16 4.12
N ASP B 73 19.97 -5.93 5.38
CA ASP B 73 19.00 -4.87 5.71
C ASP B 73 19.56 -3.50 5.56
N LYS B 74 20.86 -3.39 5.76
CA LYS B 74 21.52 -2.15 5.53
C LYS B 74 21.39 -1.74 4.06
N HIS B 75 21.27 -2.71 3.14
CA HIS B 75 21.24 -2.39 1.72
C HIS B 75 19.91 -2.70 0.96
N ILE B 76 18.84 -2.65 1.74
CA ILE B 76 17.55 -3.01 1.24
C ILE B 76 17.08 -2.11 0.07
N HIS B 77 17.28 -0.79 0.19
CA HIS B 77 16.80 0.15 -0.84
C HIS B 77 17.90 0.60 -1.79
N ASP B 78 19.03 -0.08 -1.66
CA ASP B 78 20.15 0.15 -2.53
C ASP B 78 19.94 -0.46 -3.91
N GLN B 79 19.95 0.44 -4.89
CA GLN B 79 19.59 0.12 -6.23
C GLN B 79 20.83 -0.34 -7.01
N SER B 80 21.98 -0.36 -6.33
CA SER B 80 23.23 -0.54 -7.05
C SER B 80 23.54 -2.00 -7.26
N GLU B 81 22.81 -2.82 -6.55
CA GLU B 81 22.88 -4.25 -6.73
C GLU B 81 21.46 -4.81 -6.69
N ARG B 82 21.26 -5.87 -7.47
CA ARG B 82 19.98 -6.59 -7.49
C ARG B 82 20.17 -8.09 -7.61
N ARG B 83 19.42 -8.85 -6.82
CA ARG B 83 19.64 -10.31 -6.76
C ARG B 83 18.45 -11.22 -7.03
N PHE B 84 18.69 -12.36 -7.65
CA PHE B 84 17.59 -13.26 -7.90
C PHE B 84 17.95 -14.69 -7.64
N VAL B 85 17.03 -15.42 -7.00
CA VAL B 85 17.11 -16.88 -6.94
C VAL B 85 16.68 -17.39 -8.28
N VAL B 86 17.39 -18.40 -8.74
CA VAL B 86 17.07 -19.15 -9.95
C VAL B 86 16.23 -20.34 -9.53
N GLU B 87 15.00 -20.42 -10.04
CA GLU B 87 14.09 -21.48 -9.64
C GLU B 87 13.85 -22.52 -10.67
N CYS B 88 14.22 -23.75 -10.36
CA CYS B 88 13.91 -24.82 -11.27
C CYS B 88 12.70 -25.59 -10.74
N ASP B 89 11.61 -25.50 -11.48
CA ASP B 89 10.37 -26.18 -11.12
C ASP B 89 9.96 -25.91 -9.70
N GLY B 90 10.17 -24.66 -9.33
CA GLY B 90 9.84 -24.17 -8.00
C GLY B 90 10.87 -24.36 -6.90
N GLU B 91 11.93 -25.13 -7.12
CA GLU B 91 13.00 -25.29 -6.12
C GLU B 91 14.15 -24.28 -6.27
N LYS B 92 14.75 -23.86 -5.17
CA LYS B 92 15.86 -22.89 -5.26
C LYS B 92 17.11 -23.59 -5.81
N ALA B 93 17.64 -23.11 -6.94
CA ALA B 93 18.72 -23.85 -7.62
C ALA B 93 19.96 -23.04 -7.93
N GLY B 94 19.89 -21.73 -7.70
CA GLY B 94 21.07 -20.88 -7.88
C GLY B 94 20.83 -19.41 -7.68
N LEU B 95 21.69 -18.57 -8.24
CA LEU B 95 21.70 -17.18 -7.90
C LEU B 95 22.26 -16.33 -8.99
N VAL B 96 21.54 -15.27 -9.35
CA VAL B 96 22.08 -14.24 -10.23
C VAL B 96 22.31 -12.97 -9.42
N GLU B 97 23.49 -12.38 -9.57
CA GLU B 97 23.74 -11.10 -8.96
C GLU B 97 24.03 -10.04 -10.01
N LEU B 98 23.29 -8.94 -9.92
CA LEU B 98 23.63 -7.72 -10.61
C LEU B 98 24.30 -6.79 -9.66
N VAL B 99 25.49 -6.43 -10.04
CA VAL B 99 26.34 -5.74 -9.17
C VAL B 99 26.88 -4.56 -9.94
N GLU B 100 27.29 -3.52 -9.23
CA GLU B 100 27.86 -2.30 -9.82
C GLU B 100 26.96 -1.75 -10.87
N ILE B 101 25.66 -1.86 -10.66
CA ILE B 101 24.69 -1.28 -11.59
C ILE B 101 24.83 0.23 -11.73
N ASN B 102 25.09 0.72 -12.94
CA ASN B 102 25.08 2.18 -13.19
C ASN B 102 24.17 2.58 -14.37
N HIS B 103 23.23 3.49 -14.06
CA HIS B 103 22.22 3.97 -15.04
C HIS B 103 22.55 5.15 -15.94
N VAL B 104 23.63 5.90 -15.66
CA VAL B 104 24.15 6.89 -16.59
C VAL B 104 25.00 6.22 -17.66
N HIS B 105 25.82 5.26 -17.28
CA HIS B 105 26.64 4.62 -18.26
C HIS B 105 25.97 3.37 -18.72
N ARG B 106 24.83 3.07 -18.06
CA ARG B 106 23.91 2.01 -18.42
C ARG B 106 24.60 0.63 -18.53
N ARG B 107 25.24 0.24 -17.43
CA ARG B 107 25.89 -1.03 -17.42
C ARG B 107 25.80 -1.64 -16.05
N ALA B 108 26.09 -2.93 -15.98
CA ALA B 108 26.22 -3.65 -14.73
C ALA B 108 26.99 -4.96 -14.89
N GLU B 109 27.48 -5.51 -13.78
CA GLU B 109 28.20 -6.77 -13.81
C GLU B 109 27.23 -7.88 -13.35
N PHE B 110 27.48 -9.12 -13.74
CA PHE B 110 26.65 -10.17 -13.16
C PHE B 110 27.45 -11.41 -12.82
N GLN B 111 27.13 -12.05 -11.69
CA GLN B 111 27.74 -13.30 -11.32
C GLN B 111 26.60 -14.27 -11.31
N ILE B 112 26.86 -15.49 -11.76
CA ILE B 112 25.84 -16.49 -11.61
C ILE B 112 26.36 -17.75 -10.90
N ILE B 113 25.61 -18.25 -9.94
CA ILE B 113 26.07 -19.36 -9.12
C ILE B 113 25.00 -20.48 -9.08
N ILE B 114 25.34 -21.68 -9.54
CA ILE B 114 24.41 -22.80 -9.41
C ILE B 114 24.75 -23.72 -8.27
N SER B 115 23.76 -24.26 -7.55
CA SER B 115 24.12 -25.26 -6.50
C SER B 115 24.46 -26.60 -7.13
N PRO B 116 25.53 -27.24 -6.60
CA PRO B 116 26.17 -28.45 -7.08
C PRO B 116 25.18 -29.38 -7.68
N GLU B 117 24.25 -29.85 -6.86
CA GLU B 117 23.24 -30.79 -7.34
C GLU B 117 22.42 -30.30 -8.55
N TYR B 118 22.59 -29.05 -8.96
CA TYR B 118 21.86 -28.53 -10.12
C TYR B 118 22.75 -28.20 -11.29
N GLN B 119 24.08 -28.37 -11.08
CA GLN B 119 25.11 -28.10 -12.11
C GLN B 119 25.19 -29.09 -13.29
N GLY B 120 25.64 -28.61 -14.44
CA GLY B 120 25.80 -29.50 -15.57
C GLY B 120 24.46 -29.98 -16.11
N LYS B 121 23.55 -29.03 -16.27
CA LYS B 121 22.43 -29.22 -17.17
C LYS B 121 22.34 -27.90 -17.90
N GLY B 122 23.39 -27.08 -17.75
CA GLY B 122 23.39 -25.76 -18.34
C GLY B 122 22.15 -25.03 -17.86
N LEU B 123 21.91 -25.09 -16.58
CA LEU B 123 21.18 -24.01 -15.97
C LEU B 123 22.10 -22.80 -16.02
N ALA B 124 23.39 -23.02 -15.81
CA ALA B 124 24.33 -21.90 -15.87
C ALA B 124 24.02 -21.15 -17.16
N THR B 125 23.76 -21.88 -18.23
CA THR B 125 23.44 -21.18 -19.45
C THR B 125 22.11 -20.47 -19.34
N ARG B 126 21.01 -21.20 -19.15
CA ARG B 126 19.69 -20.54 -19.11
C ARG B 126 19.68 -19.35 -18.14
N ALA B 127 20.31 -19.54 -16.99
CA ALA B 127 20.44 -18.43 -16.05
C ALA B 127 21.10 -17.20 -16.67
N ALA B 128 22.20 -17.41 -17.39
CA ALA B 128 22.84 -16.32 -18.11
C ALA B 128 21.86 -15.59 -19.03
N LYS B 129 21.07 -16.34 -19.81
CA LYS B 129 20.10 -15.73 -20.73
C LYS B 129 19.11 -14.89 -19.98
N LEU B 130 18.63 -15.45 -18.87
CA LEU B 130 17.69 -14.77 -18.00
C LEU B 130 18.22 -13.46 -17.47
N ALA B 131 19.41 -13.50 -16.86
CA ALA B 131 20.13 -12.27 -16.49
C ALA B 131 20.15 -11.32 -17.65
N MET B 132 20.57 -11.81 -18.81
CA MET B 132 20.59 -10.97 -19.98
C MET B 132 19.20 -10.43 -20.28
N ASP B 133 18.19 -11.29 -20.15
CA ASP B 133 16.86 -10.79 -20.45
C ASP B 133 16.50 -9.63 -19.52
N TYR B 134 16.65 -9.86 -18.23
CA TYR B 134 16.36 -8.83 -17.24
C TYR B 134 17.08 -7.49 -17.47
N GLY B 135 18.40 -7.54 -17.68
CA GLY B 135 19.17 -6.31 -17.71
C GLY B 135 18.89 -5.54 -18.97
N PHE B 136 18.55 -6.26 -20.04
CA PHE B 136 18.43 -5.62 -21.33
C PHE B 136 17.00 -5.23 -21.71
N THR B 137 16.05 -6.06 -21.33
CA THR B 137 14.65 -5.82 -21.70
C THR B 137 13.83 -5.18 -20.57
N VAL B 138 14.21 -5.39 -19.31
CA VAL B 138 13.51 -4.81 -18.14
C VAL B 138 14.17 -3.53 -17.56
N LEU B 139 15.48 -3.63 -17.35
CA LEU B 139 16.29 -2.62 -16.70
C LEU B 139 16.89 -1.64 -17.70
N ASN B 140 16.87 -2.02 -18.96
CA ASN B 140 17.16 -1.08 -20.01
C ASN B 140 18.63 -0.66 -20.02
N LEU B 141 19.48 -1.49 -19.43
CA LEU B 141 20.91 -1.42 -19.63
C LEU B 141 21.39 -1.56 -21.09
N TYR B 142 22.57 -1.02 -21.34
CA TYR B 142 23.21 -0.98 -22.63
C TYR B 142 24.27 -2.06 -22.76
N LYS B 143 24.85 -2.44 -21.64
CA LYS B 143 26.03 -3.27 -21.59
C LYS B 143 26.09 -4.11 -20.30
N LEU B 144 26.49 -5.36 -20.47
CA LEU B 144 26.61 -6.30 -19.37
C LEU B 144 27.94 -7.00 -19.50
N TYR B 145 28.63 -7.08 -18.38
CA TYR B 145 29.89 -7.78 -18.33
C TYR B 145 30.03 -8.71 -17.12
N LEU B 146 31.04 -9.57 -17.22
CA LEU B 146 31.29 -10.61 -16.29
C LEU B 146 32.79 -10.87 -16.11
N ILE B 147 33.15 -11.31 -14.92
CA ILE B 147 34.51 -11.75 -14.63
C ILE B 147 34.54 -13.28 -14.39
N VAL B 148 35.53 -13.98 -14.94
CA VAL B 148 35.70 -15.41 -14.67
C VAL B 148 37.15 -15.79 -14.66
N ASP B 149 37.50 -16.74 -13.82
CA ASP B 149 38.86 -17.17 -13.73
C ASP B 149 39.28 -17.55 -15.17
N LYS B 150 40.48 -17.11 -15.54
CA LYS B 150 41.05 -17.47 -16.82
C LYS B 150 40.97 -18.98 -17.07
N GLU B 151 41.26 -19.76 -16.05
CA GLU B 151 41.33 -21.20 -16.17
C GLU B 151 40.00 -21.85 -16.52
N ASN B 152 38.87 -21.22 -16.14
CA ASN B 152 37.52 -21.73 -16.43
C ASN B 152 37.16 -21.69 -17.97
N GLU B 153 37.80 -22.57 -18.75
CA GLU B 153 37.75 -22.51 -20.22
C GLU B 153 36.35 -22.79 -20.76
N LYS B 154 35.58 -23.53 -19.97
CA LYS B 154 34.21 -23.86 -20.28
C LYS B 154 33.33 -22.58 -20.30
N ALA B 155 33.29 -21.88 -19.17
CA ALA B 155 32.56 -20.60 -19.05
C ALA B 155 32.95 -19.64 -20.16
N ILE B 156 34.26 -19.42 -20.33
CA ILE B 156 34.77 -18.57 -21.38
C ILE B 156 34.18 -18.96 -22.72
N HIS B 157 34.20 -20.26 -23.01
CA HIS B 157 33.58 -20.76 -24.23
C HIS B 157 32.04 -20.56 -24.34
N ILE B 158 31.29 -21.05 -23.35
CA ILE B 158 29.87 -20.71 -23.23
C ILE B 158 29.58 -19.27 -23.64
N TYR B 159 30.24 -18.30 -23.00
CA TYR B 159 29.85 -16.90 -23.16
C TYR B 159 30.18 -16.34 -24.48
N ARG B 160 31.29 -16.82 -25.03
CA ARG B 160 31.66 -16.49 -26.38
C ARG B 160 30.62 -17.01 -27.32
N LYS B 161 30.09 -18.20 -27.04
CA LYS B 161 28.93 -18.75 -27.77
C LYS B 161 27.71 -17.84 -27.68
N LEU B 162 27.41 -17.30 -26.50
CA LEU B 162 26.30 -16.37 -26.37
C LEU B 162 26.67 -15.03 -27.02
N GLY B 163 27.90 -14.93 -27.54
CA GLY B 163 28.37 -13.81 -28.32
C GLY B 163 28.94 -12.71 -27.49
N PHE B 164 29.36 -13.03 -26.26
CA PHE B 164 30.18 -12.08 -25.48
C PHE B 164 31.56 -11.91 -26.05
N SER B 165 32.06 -10.70 -26.01
CA SER B 165 33.40 -10.42 -26.49
C SER B 165 34.29 -10.11 -25.29
N VAL B 166 35.58 -10.33 -25.49
CA VAL B 166 36.57 -10.30 -24.41
C VAL B 166 37.12 -8.90 -24.32
N GLU B 167 37.15 -8.36 -23.10
CA GLU B 167 37.71 -7.04 -23.00
C GLU B 167 38.86 -6.92 -22.03
N GLY B 168 39.24 -7.98 -21.34
CA GLY B 168 40.43 -7.86 -20.52
C GLY B 168 40.93 -9.11 -19.85
N GLU B 169 42.26 -9.19 -19.67
CA GLU B 169 42.87 -10.26 -18.93
C GLU B 169 43.56 -9.67 -17.74
N LEU B 170 42.87 -9.69 -16.62
CA LEU B 170 43.27 -9.03 -15.42
C LEU B 170 44.26 -9.85 -14.66
N MET B 171 45.52 -9.41 -14.69
CA MET B 171 46.64 -10.16 -14.16
C MET B 171 46.64 -10.22 -12.62
N HIS B 172 46.76 -11.42 -12.06
CA HIS B 172 46.76 -11.64 -10.61
C HIS B 172 45.76 -10.79 -9.90
N GLU B 173 44.52 -10.84 -10.38
CA GLU B 173 43.44 -10.01 -9.86
C GLU B 173 42.87 -10.59 -8.61
N PHE B 174 43.10 -11.88 -8.37
CA PHE B 174 42.63 -12.47 -7.11
C PHE B 174 43.59 -13.42 -6.42
N PHE B 175 43.70 -13.25 -5.11
CA PHE B 175 44.42 -14.22 -4.31
C PHE B 175 43.38 -15.29 -4.00
N ILE B 176 43.59 -16.48 -4.55
CA ILE B 176 42.66 -17.55 -4.30
C ILE B 176 43.41 -18.77 -3.82
N ASN B 177 42.94 -19.33 -2.71
CA ASN B 177 43.62 -20.46 -2.11
C ASN B 177 45.17 -20.56 -2.25
N GLY B 178 45.88 -19.58 -1.70
CA GLY B 178 47.33 -19.53 -1.79
C GLY B 178 48.05 -18.92 -2.99
N GLN B 179 47.34 -18.33 -3.94
CA GLN B 179 47.95 -18.01 -5.21
C GLN B 179 47.23 -16.88 -5.92
N TYR B 180 47.96 -16.02 -6.63
CA TYR B 180 47.23 -15.04 -7.46
C TYR B 180 46.73 -15.67 -8.74
N ARG B 181 45.53 -15.30 -9.13
CA ARG B 181 44.92 -15.89 -10.29
C ARG B 181 44.53 -14.79 -11.26
N ASN B 182 44.41 -15.13 -12.54
CA ASN B 182 43.99 -14.18 -13.56
C ASN B 182 42.49 -14.31 -13.82
N ALA B 183 41.80 -13.18 -14.04
CA ALA B 183 40.42 -13.29 -14.54
C ALA B 183 40.29 -12.78 -15.98
N ILE B 184 39.23 -13.20 -16.66
CA ILE B 184 38.93 -12.70 -17.97
C ILE B 184 37.61 -11.99 -17.80
N ARG B 185 37.53 -10.77 -18.32
CA ARG B 185 36.30 -10.01 -18.35
C ARG B 185 35.71 -9.98 -19.76
N MET B 186 34.40 -10.19 -19.81
CA MET B 186 33.76 -10.35 -21.10
C MET B 186 32.52 -9.54 -21.01
N CYS B 187 32.10 -8.94 -22.12
CA CYS B 187 30.86 -8.15 -22.16
C CYS B 187 30.03 -8.49 -23.36
N ILE B 188 28.80 -8.05 -23.33
CA ILE B 188 27.94 -8.06 -24.51
C ILE B 188 27.03 -6.85 -24.44
N PHE B 189 26.45 -6.41 -25.55
CA PHE B 189 25.62 -5.20 -25.56
C PHE B 189 24.16 -5.39 -25.93
N GLN B 190 23.32 -4.58 -25.33
CA GLN B 190 21.89 -4.61 -25.59
C GLN B 190 21.49 -4.74 -27.07
N HIS B 191 22.13 -3.99 -27.96
CA HIS B 191 21.74 -4.10 -29.36
C HIS B 191 21.98 -5.52 -29.87
N GLN B 192 23.02 -6.17 -29.35
CA GLN B 192 23.41 -7.50 -29.82
C GLN B 192 22.36 -8.53 -29.44
N TYR B 193 21.95 -8.43 -28.19
CA TYR B 193 20.89 -9.24 -27.62
C TYR B 193 19.58 -9.03 -28.37
N LEU B 194 19.19 -7.75 -28.54
CA LEU B 194 17.83 -7.48 -28.93
C LEU B 194 17.61 -7.84 -30.36
N ALA B 195 18.70 -8.11 -31.07
CA ALA B 195 18.60 -8.64 -32.41
C ALA B 195 17.52 -9.77 -32.48
N GLU B 196 17.12 -10.27 -31.27
CA GLU B 196 16.16 -11.38 -31.04
C GLU B 196 14.69 -11.05 -31.26
N HIS C 29 -23.03 -11.59 -8.27
CA HIS C 29 -21.73 -11.42 -7.50
C HIS C 29 -21.50 -9.96 -7.04
N SER C 30 -20.90 -9.78 -5.85
CA SER C 30 -20.78 -8.43 -5.25
C SER C 30 -19.34 -7.94 -5.05
N VAL C 31 -19.16 -6.66 -5.28
CA VAL C 31 -17.83 -6.13 -5.42
C VAL C 31 -17.62 -4.83 -4.63
N LYS C 32 -16.57 -4.81 -3.82
CA LYS C 32 -16.31 -3.72 -2.89
C LYS C 32 -14.85 -3.37 -2.89
N LEU C 33 -14.64 -2.09 -2.63
CA LEU C 33 -13.38 -1.59 -2.20
C LEU C 33 -13.23 -1.70 -0.68
N ARG C 34 -11.99 -1.77 -0.23
CA ARG C 34 -11.65 -1.97 1.15
C ARG C 34 -10.23 -1.42 1.33
N PRO C 35 -10.03 -0.57 2.34
CA PRO C 35 -8.66 -0.07 2.57
C PRO C 35 -7.68 -1.23 2.77
N LEU C 36 -6.45 -1.00 2.36
CA LEU C 36 -5.44 -2.01 2.27
C LEU C 36 -4.68 -2.07 3.59
N GLU C 37 -4.71 -3.25 4.20
CA GLU C 37 -4.17 -3.46 5.54
C GLU C 37 -2.79 -4.05 5.41
N ARG C 38 -1.97 -4.04 6.47
CA ARG C 38 -0.68 -4.67 6.29
C ARG C 38 -0.88 -6.14 5.92
N GLU C 39 -1.91 -6.77 6.49
CA GLU C 39 -2.19 -8.19 6.18
C GLU C 39 -2.39 -8.49 4.66
N ASP C 40 -2.69 -7.46 3.88
CA ASP C 40 -2.94 -7.57 2.45
C ASP C 40 -1.62 -7.47 1.67
N LEU C 41 -0.57 -7.13 2.39
CA LEU C 41 0.66 -6.75 1.75
C LEU C 41 1.32 -7.97 1.15
N ARG C 42 1.22 -9.11 1.82
CA ARG C 42 1.66 -10.35 1.20
C ARG C 42 0.85 -10.61 -0.11
N TYR C 43 -0.48 -10.53 -0.06
CA TYR C 43 -1.28 -10.63 -1.31
C TYR C 43 -0.80 -9.69 -2.43
N VAL C 44 -0.59 -8.43 -2.11
CA VAL C 44 -0.16 -7.48 -3.12
C VAL C 44 1.14 -7.92 -3.75
N HIS C 45 2.09 -8.39 -2.94
CA HIS C 45 3.42 -8.71 -3.43
C HIS C 45 3.41 -9.64 -4.61
N GLN C 46 2.57 -10.67 -4.58
CA GLN C 46 2.64 -11.55 -5.72
C GLN C 46 1.46 -11.54 -6.70
N LEU C 47 1.41 -10.43 -7.45
CA LEU C 47 0.84 -10.31 -8.78
C LEU C 47 2.05 -10.07 -9.74
N ASP C 48 2.73 -11.18 -10.13
CA ASP C 48 4.00 -11.14 -10.89
C ASP C 48 4.99 -10.10 -10.33
N VAL C 53 9.06 -6.49 -15.64
CA VAL C 53 8.67 -6.96 -14.30
C VAL C 53 8.99 -5.90 -13.16
N MET C 54 8.43 -4.68 -13.23
CA MET C 54 8.99 -3.51 -12.45
C MET C 54 8.01 -2.51 -11.73
N ARG C 55 8.03 -2.41 -10.40
CA ARG C 55 6.96 -1.62 -9.73
C ARG C 55 7.26 -0.71 -8.50
N TYR C 56 6.31 0.15 -8.19
CA TYR C 56 6.58 1.24 -7.25
C TYR C 56 5.66 1.32 -6.02
N TRP C 57 6.16 1.93 -4.97
CA TRP C 57 5.34 2.31 -3.80
C TRP C 57 5.70 3.70 -3.37
N PHE C 58 4.69 4.58 -3.27
CA PHE C 58 4.92 6.01 -3.02
C PHE C 58 6.13 6.50 -3.87
N GLU C 59 6.09 6.12 -5.15
CA GLU C 59 7.09 6.43 -6.19
C GLU C 59 8.51 5.82 -6.05
N GLU C 60 8.79 5.16 -4.92
CA GLU C 60 10.06 4.38 -4.79
C GLU C 60 9.92 2.93 -5.34
N PRO C 61 10.94 2.41 -6.08
CA PRO C 61 10.80 1.08 -6.73
C PRO C 61 10.72 -0.02 -5.70
N TYR C 62 10.17 -1.19 -6.02
CA TYR C 62 10.36 -2.37 -5.15
C TYR C 62 10.30 -3.69 -5.90
N GLU C 63 10.83 -4.73 -5.26
CA GLU C 63 10.83 -6.07 -5.83
C GLU C 63 10.53 -7.08 -4.71
N ALA C 64 11.44 -7.21 -3.74
CA ALA C 64 11.25 -8.12 -2.62
C ALA C 64 10.27 -7.62 -1.59
N PHE C 65 9.74 -8.58 -0.85
CA PHE C 65 8.68 -8.31 0.06
C PHE C 65 9.23 -7.37 1.11
N VAL C 66 10.48 -7.57 1.46
CA VAL C 66 11.08 -6.85 2.55
C VAL C 66 11.21 -5.40 2.15
N GLU C 67 11.46 -5.19 0.86
CA GLU C 67 11.55 -3.89 0.29
C GLU C 67 10.20 -3.21 0.44
N LEU C 68 9.15 -3.97 0.17
CA LEU C 68 7.77 -3.44 0.12
C LEU C 68 7.19 -3.13 1.50
N SER C 69 7.38 -4.07 2.41
CA SER C 69 7.00 -3.93 3.79
C SER C 69 7.56 -2.62 4.32
N ASP C 70 8.82 -2.37 4.01
CA ASP C 70 9.50 -1.18 4.45
C ASP C 70 8.88 0.12 3.92
N LEU C 71 8.69 0.21 2.62
CA LEU C 71 8.04 1.41 2.05
C LEU C 71 6.68 1.66 2.71
N TYR C 72 5.91 0.58 2.78
CA TYR C 72 4.60 0.62 3.39
C TYR C 72 4.70 1.20 4.79
N ASP C 73 5.57 0.68 5.63
CA ASP C 73 5.72 1.24 6.99
C ASP C 73 6.05 2.74 6.98
N LYS C 74 6.97 3.13 6.12
CA LYS C 74 7.34 4.54 5.90
C LYS C 74 6.15 5.45 5.49
N HIS C 75 5.26 4.95 4.63
CA HIS C 75 4.19 5.81 4.10
C HIS C 75 2.78 5.73 4.70
N ILE C 76 2.75 5.30 5.95
CA ILE C 76 1.53 4.95 6.57
C ILE C 76 0.58 6.13 6.54
N HIS C 77 1.10 7.33 6.81
CA HIS C 77 0.20 8.47 6.87
C HIS C 77 0.30 9.39 5.68
N ASP C 78 0.92 8.89 4.63
CA ASP C 78 1.04 9.67 3.44
C ASP C 78 -0.32 9.80 2.78
N GLN C 79 -0.71 11.06 2.61
CA GLN C 79 -2.00 11.39 2.13
C GLN C 79 -2.04 11.32 0.61
N SER C 80 -0.86 11.25 -0.02
CA SER C 80 -0.81 11.41 -1.45
C SER C 80 -1.13 10.14 -2.24
N GLU C 81 -1.23 9.01 -1.55
CA GLU C 81 -1.70 7.77 -2.18
C GLU C 81 -2.59 7.05 -1.26
N ARG C 82 -3.59 6.43 -1.86
CA ARG C 82 -4.55 5.63 -1.12
C ARG C 82 -4.85 4.37 -1.88
N ARG C 83 -4.73 3.23 -1.20
CA ARG C 83 -5.01 1.95 -1.83
C ARG C 83 -6.20 1.12 -1.34
N PHE C 84 -6.65 0.21 -2.19
CA PHE C 84 -7.76 -0.62 -1.80
C PHE C 84 -7.66 -1.98 -2.41
N VAL C 85 -7.99 -2.97 -1.61
CA VAL C 85 -8.23 -4.30 -2.12
C VAL C 85 -9.62 -4.30 -2.75
N VAL C 86 -9.70 -4.92 -3.92
CA VAL C 86 -10.94 -5.11 -4.60
C VAL C 86 -11.47 -6.47 -4.15
N GLU C 87 -12.59 -6.46 -3.46
CA GLU C 87 -13.14 -7.73 -2.93
C GLU C 87 -14.28 -8.22 -3.75
N CYS C 88 -14.19 -9.48 -4.20
CA CYS C 88 -15.25 -10.12 -4.93
C CYS C 88 -15.85 -11.20 -4.05
N ASP C 89 -17.11 -11.02 -3.64
CA ASP C 89 -17.71 -11.86 -2.61
C ASP C 89 -16.73 -12.11 -1.49
N GLY C 90 -16.36 -11.07 -0.76
CA GLY C 90 -15.48 -11.25 0.37
C GLY C 90 -14.12 -11.85 0.06
N GLU C 91 -13.82 -12.11 -1.23
CA GLU C 91 -12.51 -12.67 -1.65
C GLU C 91 -11.62 -11.61 -2.33
N LYS C 92 -10.33 -11.56 -1.99
CA LYS C 92 -9.37 -10.62 -2.59
C LYS C 92 -9.28 -10.91 -4.10
N ALA C 93 -9.58 -9.91 -4.93
CA ALA C 93 -9.64 -10.16 -6.36
C ALA C 93 -8.74 -9.22 -7.13
N GLY C 94 -8.36 -8.13 -6.50
CA GLY C 94 -7.45 -7.20 -7.14
C GLY C 94 -7.16 -5.97 -6.29
N LEU C 95 -6.65 -4.93 -6.93
CA LEU C 95 -6.22 -3.77 -6.20
C LEU C 95 -6.51 -2.47 -6.96
N VAL C 96 -6.84 -1.40 -6.23
CA VAL C 96 -7.06 -0.07 -6.80
C VAL C 96 -6.02 0.84 -6.16
N GLU C 97 -5.25 1.57 -6.98
CA GLU C 97 -4.29 2.53 -6.47
C GLU C 97 -4.70 3.91 -6.85
N LEU C 98 -4.77 4.79 -5.86
CA LEU C 98 -4.97 6.22 -6.08
C LEU C 98 -3.73 6.93 -5.77
N VAL C 99 -3.21 7.54 -6.83
CA VAL C 99 -1.86 7.97 -6.86
C VAL C 99 -1.78 9.43 -7.26
N GLU C 100 -0.66 10.05 -6.97
CA GLU C 100 -0.45 11.49 -7.22
C GLU C 100 -1.61 12.37 -6.83
N ILE C 101 -2.28 12.00 -5.73
CA ILE C 101 -3.43 12.75 -5.22
C ILE C 101 -3.07 14.18 -4.86
N ASN C 102 -3.69 15.16 -5.54
CA ASN C 102 -3.48 16.54 -5.20
C ASN C 102 -4.80 17.17 -4.83
N HIS C 103 -4.82 17.75 -3.65
CA HIS C 103 -6.05 18.31 -3.13
C HIS C 103 -6.27 19.75 -3.51
N VAL C 104 -5.21 20.49 -3.89
CA VAL C 104 -5.37 21.90 -4.24
C VAL C 104 -5.90 21.94 -5.66
N HIS C 105 -5.36 21.10 -6.53
CA HIS C 105 -5.90 21.00 -7.87
C HIS C 105 -6.98 19.95 -8.01
N ARG C 106 -7.35 19.32 -6.87
CA ARG C 106 -8.41 18.32 -6.78
C ARG C 106 -8.41 17.21 -7.84
N ARG C 107 -7.25 16.59 -8.06
CA ARG C 107 -7.20 15.47 -8.99
C ARG C 107 -6.36 14.36 -8.42
N ALA C 108 -6.25 13.27 -9.16
CA ALA C 108 -5.52 12.10 -8.70
C ALA C 108 -5.50 11.09 -9.86
N GLU C 109 -4.37 10.38 -10.03
CA GLU C 109 -4.33 9.28 -10.99
C GLU C 109 -4.77 7.96 -10.34
N PHE C 110 -5.42 7.10 -11.13
CA PHE C 110 -5.72 5.74 -10.64
C PHE C 110 -5.27 4.59 -11.54
N GLN C 111 -5.13 3.40 -10.93
CA GLN C 111 -4.71 2.15 -11.62
C GLN C 111 -5.33 0.99 -10.91
N ILE C 112 -5.71 -0.01 -11.69
CA ILE C 112 -6.32 -1.20 -11.18
C ILE C 112 -5.56 -2.42 -11.72
N ILE C 113 -5.51 -3.47 -10.90
CA ILE C 113 -4.84 -4.71 -11.20
C ILE C 113 -5.70 -5.81 -10.58
N ILE C 114 -5.99 -6.83 -11.40
CA ILE C 114 -6.88 -7.93 -11.04
C ILE C 114 -6.11 -9.26 -11.07
N SER C 115 -6.21 -10.06 -9.99
CA SER C 115 -5.43 -11.29 -9.99
C SER C 115 -5.81 -12.09 -11.21
N PRO C 116 -4.80 -12.69 -11.87
CA PRO C 116 -5.01 -13.46 -13.08
C PRO C 116 -6.39 -14.12 -13.12
N GLU C 117 -6.67 -14.93 -12.12
CA GLU C 117 -7.88 -15.74 -12.08
C GLU C 117 -9.22 -15.03 -11.96
N TYR C 118 -9.26 -13.70 -11.90
CA TYR C 118 -10.57 -12.99 -11.80
C TYR C 118 -10.83 -12.16 -13.05
N GLN C 119 -9.85 -12.19 -13.96
CA GLN C 119 -9.96 -11.48 -15.22
C GLN C 119 -10.98 -12.08 -16.18
N GLY C 120 -11.48 -11.20 -17.04
CA GLY C 120 -12.52 -11.52 -18.00
C GLY C 120 -13.80 -11.83 -17.28
N LYS C 121 -14.18 -11.00 -16.30
CA LYS C 121 -15.55 -11.08 -15.78
C LYS C 121 -16.07 -9.67 -15.50
N GLY C 122 -15.47 -8.73 -16.24
CA GLY C 122 -15.91 -7.34 -16.29
C GLY C 122 -15.63 -6.74 -14.94
N LEU C 123 -14.70 -7.39 -14.23
CA LEU C 123 -14.39 -6.99 -12.88
C LEU C 123 -13.60 -5.72 -12.84
N ALA C 124 -12.63 -5.55 -13.75
CA ALA C 124 -11.89 -4.31 -13.77
C ALA C 124 -12.83 -3.18 -14.12
N THR C 125 -13.85 -3.45 -14.94
CA THR C 125 -14.88 -2.42 -15.10
C THR C 125 -15.57 -2.08 -13.77
N ARG C 126 -16.05 -3.06 -13.02
CA ARG C 126 -16.74 -2.65 -11.81
C ARG C 126 -15.82 -1.94 -10.85
N ALA C 127 -14.58 -2.41 -10.78
CA ALA C 127 -13.53 -1.74 -10.00
C ALA C 127 -13.25 -0.29 -10.42
N ALA C 128 -13.17 -0.02 -11.71
CA ALA C 128 -13.06 1.36 -12.16
C ALA C 128 -14.22 2.24 -11.62
N LYS C 129 -15.47 1.83 -11.88
CA LYS C 129 -16.66 2.53 -11.36
C LYS C 129 -16.55 2.82 -9.86
N LEU C 130 -16.02 1.85 -9.15
CA LEU C 130 -15.91 1.98 -7.74
C LEU C 130 -14.84 3.00 -7.37
N ALA C 131 -13.73 3.01 -8.09
CA ALA C 131 -12.66 3.98 -7.81
C ALA C 131 -13.14 5.39 -8.11
N MET C 132 -13.96 5.53 -9.14
CA MET C 132 -14.51 6.83 -9.45
C MET C 132 -15.37 7.30 -8.30
N ASP C 133 -16.24 6.39 -7.89
CA ASP C 133 -17.13 6.63 -6.78
C ASP C 133 -16.37 7.19 -5.56
N TYR C 134 -15.29 6.51 -5.22
CA TYR C 134 -14.53 6.92 -4.07
C TYR C 134 -13.88 8.30 -4.20
N GLY C 135 -13.28 8.57 -5.35
CA GLY C 135 -12.56 9.84 -5.50
C GLY C 135 -13.54 10.97 -5.69
N PHE C 136 -14.66 10.62 -6.34
CA PHE C 136 -15.66 11.62 -6.59
C PHE C 136 -16.66 11.81 -5.47
N THR C 137 -17.10 10.74 -4.84
CA THR C 137 -18.16 10.93 -3.86
C THR C 137 -17.67 10.92 -2.44
N VAL C 138 -16.37 10.63 -2.23
CA VAL C 138 -15.80 10.58 -0.88
C VAL C 138 -14.63 11.50 -0.67
N LEU C 139 -13.64 11.38 -1.54
CA LEU C 139 -12.46 12.26 -1.53
C LEU C 139 -12.70 13.68 -2.06
N ASN C 140 -13.82 13.84 -2.75
CA ASN C 140 -14.24 15.07 -3.34
C ASN C 140 -13.24 15.65 -4.32
N LEU C 141 -12.71 14.81 -5.22
CA LEU C 141 -11.86 15.30 -6.30
C LEU C 141 -12.70 15.85 -7.43
N TYR C 142 -12.04 16.59 -8.29
CA TYR C 142 -12.67 17.24 -9.39
C TYR C 142 -12.44 16.44 -10.64
N LYS C 143 -11.25 15.87 -10.72
CA LYS C 143 -10.75 15.13 -11.91
C LYS C 143 -10.03 13.85 -11.52
N LEU C 144 -10.29 12.80 -12.26
CA LEU C 144 -9.54 11.55 -12.13
C LEU C 144 -9.02 11.19 -13.49
N TYR C 145 -7.79 10.67 -13.52
CA TYR C 145 -7.20 10.21 -14.80
C TYR C 145 -6.39 8.92 -14.65
N LEU C 146 -6.13 8.31 -15.81
CA LEU C 146 -5.39 7.07 -15.93
C LEU C 146 -4.56 7.07 -17.22
N ILE C 147 -3.58 6.17 -17.25
CA ILE C 147 -2.69 5.90 -18.38
C ILE C 147 -2.74 4.38 -18.75
N VAL C 148 -3.04 4.04 -20.02
CA VAL C 148 -3.02 2.63 -20.53
C VAL C 148 -2.14 2.51 -21.76
N ASP C 149 -1.72 1.28 -22.09
CA ASP C 149 -1.00 1.06 -23.35
C ASP C 149 -1.93 1.42 -24.53
N LYS C 150 -1.43 2.30 -25.39
CA LYS C 150 -2.08 2.61 -26.66
C LYS C 150 -2.58 1.35 -27.32
N GLU C 151 -1.80 0.29 -27.19
CA GLU C 151 -2.10 -0.95 -27.86
C GLU C 151 -3.34 -1.62 -27.25
N ASN C 152 -3.59 -1.39 -25.96
CA ASN C 152 -4.74 -1.95 -25.32
C ASN C 152 -6.07 -1.29 -25.79
N GLU C 153 -6.47 -1.55 -27.03
CA GLU C 153 -7.64 -0.88 -27.65
C GLU C 153 -8.92 -1.22 -26.92
N LYS C 154 -8.89 -2.33 -26.19
CA LYS C 154 -10.02 -2.86 -25.45
C LYS C 154 -10.34 -1.99 -24.23
N ALA C 155 -9.44 -1.98 -23.25
CA ALA C 155 -9.58 -1.12 -22.09
C ALA C 155 -9.92 0.30 -22.52
N ILE C 156 -9.11 0.83 -23.44
CA ILE C 156 -9.35 2.15 -23.99
C ILE C 156 -10.83 2.37 -24.32
N HIS C 157 -11.44 1.39 -24.98
CA HIS C 157 -12.83 1.50 -25.37
C HIS C 157 -13.81 1.49 -24.18
N ILE C 158 -13.50 0.65 -23.21
CA ILE C 158 -14.28 0.58 -22.02
C ILE C 158 -14.35 1.98 -21.35
N TYR C 159 -13.20 2.64 -21.22
CA TYR C 159 -13.20 4.00 -20.67
C TYR C 159 -13.94 5.01 -21.48
N ARG C 160 -13.72 4.99 -22.79
CA ARG C 160 -14.40 5.96 -23.59
C ARG C 160 -15.88 5.82 -23.25
N LYS C 161 -16.38 4.60 -23.28
CA LYS C 161 -17.79 4.33 -22.92
C LYS C 161 -18.21 4.98 -21.63
N LEU C 162 -17.45 4.74 -20.57
CA LEU C 162 -17.67 5.40 -19.30
C LEU C 162 -17.63 6.94 -19.33
N GLY C 163 -17.27 7.55 -20.47
CA GLY C 163 -17.34 9.01 -20.57
C GLY C 163 -16.00 9.68 -20.36
N PHE C 164 -14.94 8.88 -20.38
CA PHE C 164 -13.57 9.40 -20.24
C PHE C 164 -13.11 10.05 -21.51
N SER C 165 -12.37 11.14 -21.40
CA SER C 165 -11.74 11.79 -22.55
C SER C 165 -10.30 11.40 -22.71
N VAL C 166 -9.86 11.23 -23.95
CA VAL C 166 -8.44 11.14 -24.22
C VAL C 166 -7.79 12.51 -24.02
N GLU C 167 -6.83 12.63 -23.12
CA GLU C 167 -6.19 13.93 -23.00
C GLU C 167 -4.77 13.95 -23.43
N GLY C 168 -4.30 12.82 -23.95
CA GLY C 168 -2.97 12.79 -24.54
C GLY C 168 -2.48 11.42 -24.94
N GLU C 169 -1.55 11.43 -25.90
CA GLU C 169 -0.81 10.23 -26.25
C GLU C 169 0.72 10.36 -26.02
N LEU C 170 1.19 9.78 -24.93
CA LEU C 170 2.61 9.85 -24.59
C LEU C 170 3.47 8.86 -25.42
N MET C 171 4.51 9.39 -26.05
CA MET C 171 5.27 8.62 -27.02
C MET C 171 6.44 7.99 -26.31
N HIS C 172 6.62 6.68 -26.46
CA HIS C 172 7.76 6.01 -25.85
C HIS C 172 7.94 6.37 -24.38
N GLU C 173 6.83 6.50 -23.68
CA GLU C 173 6.82 6.77 -22.26
C GLU C 173 7.36 5.62 -21.41
N PHE C 174 7.22 4.40 -21.90
CA PHE C 174 7.63 3.23 -21.11
C PHE C 174 8.50 2.28 -21.88
N PHE C 175 9.68 2.04 -21.34
CA PHE C 175 10.48 0.91 -21.79
C PHE C 175 9.89 -0.33 -21.13
N ILE C 176 9.30 -1.20 -21.94
CA ILE C 176 8.74 -2.41 -21.37
C ILE C 176 9.11 -3.60 -22.18
N ASN C 177 9.56 -4.60 -21.46
CA ASN C 177 10.01 -5.83 -22.07
C ASN C 177 10.71 -5.67 -23.47
N GLY C 178 11.73 -4.84 -23.50
CA GLY C 178 12.57 -4.78 -24.66
C GLY C 178 12.34 -3.67 -25.66
N GLN C 179 11.21 -2.97 -25.52
CA GLN C 179 10.90 -1.82 -26.40
C GLN C 179 10.09 -0.69 -25.74
N TYR C 180 10.24 0.52 -26.29
CA TYR C 180 9.49 1.68 -25.79
C TYR C 180 8.06 1.55 -26.28
N ARG C 181 7.09 1.76 -25.40
CA ARG C 181 5.68 1.72 -25.79
C ARG C 181 5.03 3.09 -25.64
N ASN C 182 3.96 3.32 -26.39
CA ASN C 182 3.11 4.48 -26.24
C ASN C 182 1.98 4.30 -25.25
N ALA C 183 1.57 5.38 -24.62
CA ALA C 183 0.42 5.25 -23.73
C ALA C 183 -0.59 6.34 -24.00
N ILE C 184 -1.81 6.12 -23.53
CA ILE C 184 -2.87 7.06 -23.69
C ILE C 184 -3.26 7.54 -22.31
N ARG C 185 -3.51 8.84 -22.16
CA ARG C 185 -3.97 9.37 -20.88
C ARG C 185 -5.38 9.85 -21.07
N MET C 186 -6.28 9.37 -20.20
CA MET C 186 -7.72 9.61 -20.38
C MET C 186 -8.20 10.07 -19.05
N CYS C 187 -9.11 11.05 -19.06
CA CYS C 187 -9.60 11.67 -17.82
C CYS C 187 -11.12 11.77 -17.75
N ILE C 188 -11.67 11.79 -16.55
CA ILE C 188 -13.05 12.08 -16.37
C ILE C 188 -13.26 13.04 -15.18
N PHE C 189 -14.37 13.78 -15.16
CA PHE C 189 -14.62 14.80 -14.14
C PHE C 189 -15.82 14.52 -13.25
N GLN C 190 -15.71 15.00 -12.03
CA GLN C 190 -16.74 14.82 -11.03
C GLN C 190 -18.13 15.11 -11.57
N HIS C 191 -18.30 16.24 -12.26
CA HIS C 191 -19.64 16.64 -12.61
C HIS C 191 -20.24 15.67 -13.60
N GLN C 192 -19.40 15.05 -14.43
CA GLN C 192 -19.85 14.06 -15.38
C GLN C 192 -20.29 12.82 -14.63
N TYR C 193 -19.52 12.43 -13.63
CA TYR C 193 -19.91 11.34 -12.78
C TYR C 193 -21.21 11.63 -12.03
N LEU C 194 -21.28 12.77 -11.34
CA LEU C 194 -22.47 13.06 -10.52
C LEU C 194 -23.72 13.33 -11.31
N ALA C 195 -23.57 13.72 -12.58
CA ALA C 195 -24.67 13.71 -13.52
C ALA C 195 -25.13 12.29 -13.96
N GLU C 196 -24.29 11.59 -14.75
CA GLU C 196 -24.51 10.19 -15.16
C GLU C 196 -23.68 9.26 -14.27
MG MG D . -10.03 21.15 15.98
#